data_1KFV
#
_entry.id   1KFV
#
_cell.length_a   69.880
_cell.length_b   62.030
_cell.length_c   80.970
_cell.angle_alpha   90.00
_cell.angle_beta   104.70
_cell.angle_gamma   90.00
#
_symmetry.space_group_name_H-M   'P 1 21 1'
#
loop_
_entity.id
_entity.type
_entity.pdbx_description
1 polymer "5'-D(*CP*TP*CP*TP*TP*TP*(PDI)P*TP*TP*TP*CP*TP*C)-3'"
2 polymer "5'-D(*GP*AP*GP*AP*AP*AP*CP*AP*AP*AP*GP*AP*G)-3'"
3 polymer 'Formamido-pyrimidine DNA glycosylase'
4 non-polymer 'ZINC ION'
5 non-polymer GLYCEROL
6 water water
#
loop_
_entity_poly.entity_id
_entity_poly.type
_entity_poly.pdbx_seq_one_letter_code
_entity_poly.pdbx_strand_id
1 'polydeoxyribonucleotide' (DC)(DT)(DC)(DT)(DT)(DT)(PDI)(DT)(DT)(DT)(DC)(DT)(DC) D,G
2 'polydeoxyribonucleotide' (DG)(DA)(DG)(DA)(DA)(DA)(DC)(DA)(DA)(DA)(DG)(DA)(DG) E,H
3 'polypeptide(L)'
;GELPEVETVRRELEKRIVGQKIISIEATYPR(MSE)VLTGFEQLKKELTGKTIQGISRRGKYLIFEIGDDFRLISHLR
(MSE)EGKYRLATLDAPREKHDHLT(MSE)KFADGQLIYADVRKFGTWELISTDQVLPYFLKKKIGPEPTYEDFDEKLFR
EKLRKSTKKIKPYLLEQTLVAGLGNIYVDEVLWLAKIHPEKETNQLIESSIHLLHDSIIEILQKAIKLGGSSIRTYSALG
STGK(MSE)QNELQVYGKTGEKCSRCGAEIQKIKVAGRGTHFCPVCQQK
;
A,B
#
# COMPACT_ATOMS: atom_id res chain seq x y z
N GLY E 1 14.18 2.10 -12.14
CA GLY E 1 13.88 0.88 -12.91
C GLY E 1 14.53 -0.34 -12.27
N GLU E 2 14.02 -0.75 -11.12
CA GLU E 2 14.57 -1.91 -10.44
C GLU E 2 13.56 -3.04 -10.56
N LEU E 3 13.94 -4.24 -10.16
CA LEU E 3 13.04 -5.39 -10.29
C LEU E 3 11.59 -5.13 -9.87
N PRO E 4 11.37 -4.45 -8.75
CA PRO E 4 9.97 -4.21 -8.36
C PRO E 4 9.18 -3.45 -9.43
N GLU E 5 9.73 -2.32 -9.88
CA GLU E 5 9.09 -1.50 -10.90
C GLU E 5 8.93 -2.23 -12.24
N VAL E 6 9.92 -3.03 -12.62
CA VAL E 6 9.86 -3.75 -13.88
C VAL E 6 8.78 -4.84 -13.82
N GLU E 7 8.68 -5.52 -12.68
CA GLU E 7 7.67 -6.57 -12.52
C GLU E 7 6.26 -5.98 -12.55
N THR E 8 6.13 -4.75 -12.05
CA THR E 8 4.85 -4.07 -12.03
C THR E 8 4.44 -3.76 -13.45
N VAL E 9 5.41 -3.40 -14.29
CA VAL E 9 5.12 -3.10 -15.68
C VAL E 9 4.78 -4.39 -16.44
N ARG E 10 5.44 -5.49 -16.09
CA ARG E 10 5.19 -6.77 -16.74
C ARG E 10 3.74 -7.21 -16.58
N ARG E 11 3.24 -7.09 -15.36
CA ARG E 11 1.86 -7.47 -15.07
C ARG E 11 0.87 -6.54 -15.74
N GLU E 12 1.14 -5.25 -15.70
CA GLU E 12 0.26 -4.27 -16.33
C GLU E 12 0.12 -4.69 -17.80
N LEU E 13 1.23 -4.72 -18.53
CA LEU E 13 1.26 -5.11 -19.94
C LEU E 13 0.66 -6.50 -20.11
N GLU E 14 0.96 -7.37 -19.15
CA GLU E 14 0.48 -8.73 -19.14
C GLU E 14 -1.03 -8.77 -19.38
N LYS E 15 -1.76 -8.06 -18.54
CA LYS E 15 -3.20 -8.01 -18.67
C LYS E 15 -3.70 -6.94 -19.62
N ARG E 16 -2.92 -6.61 -20.65
CA ARG E 16 -3.37 -5.59 -21.58
C ARG E 16 -2.90 -5.75 -23.01
N ILE E 17 -1.95 -6.65 -23.26
CA ILE E 17 -1.50 -6.85 -24.63
C ILE E 17 -1.31 -8.31 -24.99
N VAL E 18 -1.19 -9.18 -23.99
CA VAL E 18 -1.03 -10.62 -24.24
C VAL E 18 -2.22 -11.08 -25.08
N GLY E 19 -1.92 -11.73 -26.19
CA GLY E 19 -2.97 -12.19 -27.08
C GLY E 19 -3.29 -11.20 -28.18
N GLN E 20 -2.77 -9.96 -28.08
CA GLN E 20 -3.03 -8.96 -29.10
C GLN E 20 -2.13 -9.14 -30.31
N LYS E 21 -2.65 -8.84 -31.50
CA LYS E 21 -1.86 -9.01 -32.70
C LYS E 21 -1.22 -7.68 -33.13
N ILE E 22 0.06 -7.73 -33.44
CA ILE E 22 0.82 -6.57 -33.86
C ILE E 22 0.53 -6.30 -35.33
N ILE E 23 0.13 -5.07 -35.65
CA ILE E 23 -0.18 -4.68 -37.03
C ILE E 23 1.06 -4.19 -37.75
N SER E 24 1.94 -3.51 -37.01
N SER E 24 1.97 -3.60 -36.98
CA SER E 24 3.17 -2.95 -37.56
CA SER E 24 3.25 -3.13 -37.50
C SER E 24 3.98 -2.26 -36.46
C SER E 24 4.03 -2.44 -36.40
N ILE E 25 5.28 -2.12 -36.69
CA ILE E 25 6.14 -1.48 -35.70
C ILE E 25 6.85 -0.25 -36.25
N GLU E 26 6.52 0.92 -35.72
CA GLU E 26 7.13 2.16 -36.16
C GLU E 26 8.18 2.67 -35.16
N ALA E 27 9.25 3.26 -35.68
CA ALA E 27 10.32 3.78 -34.81
C ALA E 27 10.89 5.12 -35.27
N THR E 28 11.04 6.04 -34.32
CA THR E 28 11.61 7.34 -34.61
C THR E 28 13.03 7.40 -34.05
N TYR E 29 13.38 6.44 -33.21
CA TYR E 29 14.73 6.38 -32.63
C TYR E 29 15.21 4.93 -32.72
N PRO E 30 15.13 4.34 -33.92
CA PRO E 30 15.52 2.96 -34.22
C PRO E 30 16.82 2.36 -33.66
N ARG E 31 17.89 3.15 -33.56
CA ARG E 31 19.17 2.61 -33.07
C ARG E 31 19.02 2.00 -31.68
N VAL E 33 17.17 0.04 -30.83
CA VAL E 33 17.04 -1.39 -31.08
C VAL E 33 18.43 -1.90 -31.47
N LEU E 34 19.18 -2.37 -30.48
CA LEU E 34 20.54 -2.86 -30.67
C LEU E 34 20.72 -3.92 -31.74
N THR E 35 19.68 -4.69 -32.03
CA THR E 35 19.79 -5.77 -33.02
C THR E 35 19.24 -5.40 -34.40
N GLY E 36 19.07 -4.11 -34.66
CA GLY E 36 18.57 -3.67 -35.93
C GLY E 36 17.05 -3.64 -35.94
N PHE E 37 16.51 -2.43 -35.89
CA PHE E 37 15.06 -2.23 -35.91
C PHE E 37 14.41 -2.81 -37.15
N GLU E 38 15.07 -2.64 -38.30
CA GLU E 38 14.53 -3.15 -39.55
C GLU E 38 14.30 -4.64 -39.41
N GLN E 39 15.32 -5.36 -38.98
CA GLN E 39 15.20 -6.80 -38.80
C GLN E 39 14.07 -7.15 -37.82
N LEU E 40 13.84 -6.26 -36.85
CA LEU E 40 12.79 -6.49 -35.86
C LEU E 40 11.42 -6.23 -36.48
N LYS E 41 11.36 -5.22 -37.34
CA LYS E 41 10.10 -4.88 -38.00
C LYS E 41 9.70 -6.02 -38.92
N LYS E 42 10.63 -6.47 -39.73
CA LYS E 42 10.35 -7.54 -40.67
C LYS E 42 9.89 -8.82 -39.99
N GLU E 43 10.27 -9.00 -38.72
CA GLU E 43 9.92 -10.24 -38.04
C GLU E 43 8.81 -10.23 -37.02
N LEU E 44 8.51 -9.08 -36.44
CA LEU E 44 7.45 -9.07 -35.44
C LEU E 44 6.15 -8.53 -36.02
N THR E 45 6.24 -7.85 -37.15
CA THR E 45 5.05 -7.30 -37.78
C THR E 45 4.04 -8.41 -38.09
N GLY E 46 2.80 -8.18 -37.66
CA GLY E 46 1.73 -9.14 -37.89
C GLY E 46 1.77 -10.32 -36.96
N LYS E 47 2.26 -10.14 -35.74
CA LYS E 47 2.35 -11.24 -34.78
C LYS E 47 1.44 -11.12 -33.57
N THR E 48 1.54 -12.10 -32.70
CA THR E 48 0.72 -12.14 -31.51
C THR E 48 1.58 -12.17 -30.27
N ILE E 49 1.20 -11.35 -29.31
CA ILE E 49 1.89 -11.30 -28.05
C ILE E 49 1.42 -12.57 -27.34
N GLN E 50 2.33 -13.50 -27.10
CA GLN E 50 1.96 -14.72 -26.41
C GLN E 50 2.10 -14.48 -24.91
N GLY E 51 3.20 -13.84 -24.50
CA GLY E 51 3.37 -13.56 -23.10
C GLY E 51 4.45 -12.57 -22.76
N ILE E 52 4.40 -12.04 -21.54
CA ILE E 52 5.37 -11.06 -21.06
C ILE E 52 5.99 -11.57 -19.77
N SER E 53 7.19 -12.13 -19.85
CA SER E 53 7.87 -12.59 -18.65
C SER E 53 8.96 -11.58 -18.24
N ARG E 54 9.66 -11.86 -17.13
CA ARG E 54 10.69 -10.96 -16.63
C ARG E 54 11.85 -11.75 -16.06
N ARG E 55 13.05 -11.19 -16.16
CA ARG E 55 14.25 -11.83 -15.63
C ARG E 55 15.14 -10.70 -15.12
N GLY E 56 15.16 -10.50 -13.81
CA GLY E 56 15.97 -9.43 -13.26
C GLY E 56 15.25 -8.15 -13.64
N LYS E 57 15.97 -7.18 -14.19
CA LYS E 57 15.34 -5.93 -14.58
C LYS E 57 14.94 -5.91 -16.06
N TYR E 58 15.04 -7.06 -16.72
CA TYR E 58 14.69 -7.19 -18.15
C TYR E 58 13.28 -7.71 -18.46
N LEU E 59 12.55 -6.99 -19.31
CA LEU E 59 11.22 -7.42 -19.74
C LEU E 59 11.44 -8.31 -20.97
N ILE E 60 10.65 -9.37 -21.11
CA ILE E 60 10.80 -10.27 -22.23
C ILE E 60 9.46 -10.48 -22.92
N PHE E 61 9.27 -9.84 -24.06
CA PHE E 61 8.05 -9.98 -24.82
C PHE E 61 8.15 -11.26 -25.64
N GLU E 62 7.16 -12.13 -25.49
CA GLU E 62 7.14 -13.36 -26.25
C GLU E 62 6.14 -13.16 -27.39
N ILE E 63 6.67 -12.90 -28.59
CA ILE E 63 5.85 -12.67 -29.78
C ILE E 63 6.10 -13.87 -30.68
N GLY E 64 5.09 -14.74 -30.83
CA GLY E 64 5.29 -15.93 -31.63
C GLY E 64 6.33 -16.76 -30.89
N ASP E 65 6.40 -18.06 -31.10
CA ASP E 65 7.40 -18.81 -30.35
C ASP E 65 8.74 -18.98 -31.04
N ASP E 66 9.07 -18.03 -31.92
CA ASP E 66 10.35 -18.05 -32.64
C ASP E 66 11.37 -17.04 -32.09
N PHE E 67 10.89 -15.84 -31.79
CA PHE E 67 11.72 -14.76 -31.29
C PHE E 67 11.20 -14.19 -29.97
N ARG E 68 12.12 -13.72 -29.13
CA ARG E 68 11.78 -13.09 -27.85
C ARG E 68 12.38 -11.68 -27.89
N LEU E 69 11.63 -10.70 -27.42
CA LEU E 69 12.08 -9.32 -27.40
C LEU E 69 12.54 -8.91 -26.02
N ILE E 70 13.86 -8.83 -25.81
CA ILE E 70 14.45 -8.43 -24.53
C ILE E 70 14.38 -6.91 -24.40
N SER E 71 13.63 -6.40 -23.44
CA SER E 71 13.51 -4.97 -23.27
C SER E 71 14.09 -4.57 -21.92
N HIS E 72 14.91 -3.52 -21.92
CA HIS E 72 15.49 -3.02 -20.70
C HIS E 72 15.18 -1.53 -20.59
N LEU E 73 14.59 -1.13 -19.48
CA LEU E 73 14.22 0.27 -19.25
C LEU E 73 15.31 1.19 -18.74
N ARG E 74 16.46 0.64 -18.35
CA ARG E 74 17.54 1.46 -17.78
C ARG E 74 17.02 2.44 -16.76
N GLU E 76 15.07 5.36 -17.17
CA GLU E 76 13.73 5.91 -17.26
C GLU E 76 12.86 5.45 -18.42
N GLY E 77 13.13 4.26 -18.93
CA GLY E 77 12.30 3.79 -20.01
C GLY E 77 10.89 3.65 -19.45
N LYS E 78 9.90 3.90 -20.28
CA LYS E 78 8.53 3.74 -19.81
C LYS E 78 7.53 3.45 -20.92
N TYR E 79 6.74 2.41 -20.69
CA TYR E 79 5.70 1.98 -21.61
C TYR E 79 4.35 2.59 -21.25
N ARG E 80 3.47 2.71 -22.23
CA ARG E 80 2.14 3.25 -21.99
C ARG E 80 1.27 2.88 -23.17
N LEU E 81 0.02 2.54 -22.90
CA LEU E 81 -0.91 2.20 -23.96
C LEU E 81 -1.77 3.41 -24.16
N ALA E 82 -1.94 3.82 -25.41
CA ALA E 82 -2.74 5.01 -25.71
C ALA E 82 -3.50 4.83 -27.02
N THR E 83 -4.32 5.83 -27.36
CA THR E 83 -5.11 5.80 -28.58
C THR E 83 -4.27 5.68 -29.85
N LEU E 84 -4.84 5.05 -30.87
CA LEU E 84 -4.19 4.84 -32.15
C LEU E 84 -3.79 6.12 -32.86
N ASP E 85 -4.52 7.20 -32.58
CA ASP E 85 -4.23 8.49 -33.19
C ASP E 85 -3.61 9.45 -32.16
N ALA E 86 -3.31 8.91 -30.97
CA ALA E 86 -2.71 9.72 -29.92
C ALA E 86 -1.50 10.44 -30.51
N PRO E 87 -1.27 11.69 -30.11
CA PRO E 87 -0.14 12.46 -30.62
C PRO E 87 1.21 11.95 -30.11
N ARG E 88 2.28 12.24 -30.85
CA ARG E 88 3.60 11.79 -30.49
C ARG E 88 4.33 12.76 -29.56
N GLU E 89 4.55 12.34 -28.32
CA GLU E 89 5.25 13.16 -27.34
C GLU E 89 6.77 13.17 -27.57
N LYS E 90 7.41 14.21 -27.04
CA LYS E 90 8.85 14.45 -27.18
C LYS E 90 9.83 13.27 -27.12
N HIS E 91 9.71 12.41 -26.10
CA HIS E 91 10.64 11.30 -25.99
C HIS E 91 10.11 9.90 -26.31
N ASP E 92 9.15 9.82 -27.22
CA ASP E 92 8.58 8.53 -27.65
C ASP E 92 9.56 8.04 -28.71
N HIS E 93 9.97 6.78 -28.64
CA HIS E 93 10.92 6.27 -29.61
C HIS E 93 10.41 5.11 -30.45
N LEU E 94 9.52 4.31 -29.86
CA LEU E 94 8.99 3.16 -30.55
C LEU E 94 7.55 3.04 -30.22
N THR E 95 6.81 2.44 -31.14
CA THR E 95 5.40 2.21 -30.92
C THR E 95 5.09 0.89 -31.57
N LYS E 97 2.01 -1.00 -32.94
CA LYS E 97 0.62 -0.84 -33.28
C LYS E 97 -0.26 -2.03 -33.31
N PHE E 98 -1.37 -1.92 -32.58
CA PHE E 98 -2.35 -2.98 -32.49
C PHE E 98 -3.60 -2.63 -33.30
N ALA E 99 -4.49 -3.61 -33.41
CA ALA E 99 -5.72 -3.42 -34.13
C ALA E 99 -6.56 -2.35 -33.46
N ASP E 100 -6.49 -2.27 -32.13
CA ASP E 100 -7.28 -1.30 -31.37
C ASP E 100 -6.48 -0.33 -30.51
N GLY E 101 -5.18 -0.24 -30.74
CA GLY E 101 -4.37 0.67 -29.95
C GLY E 101 -2.89 0.47 -30.21
N GLN E 102 -2.07 1.06 -29.36
CA GLN E 102 -0.64 0.95 -29.54
C GLN E 102 0.13 0.95 -28.24
N LEU E 103 1.30 0.33 -28.26
CA LEU E 103 2.16 0.27 -27.09
C LEU E 103 3.32 1.21 -27.42
N ILE E 104 3.43 2.29 -26.65
CA ILE E 104 4.46 3.28 -26.85
C ILE E 104 5.59 3.20 -25.82
N TYR E 105 6.82 3.31 -26.29
CA TYR E 105 7.94 3.29 -25.38
C TYR E 105 8.57 4.67 -25.38
N ALA E 106 8.71 5.23 -24.18
CA ALA E 106 9.29 6.55 -23.99
C ALA E 106 10.55 6.41 -23.14
N ASP E 107 11.49 7.34 -23.30
CA ASP E 107 12.73 7.27 -22.55
C ASP E 107 13.53 8.55 -22.74
N VAL E 108 13.30 9.52 -21.86
CA VAL E 108 14.00 10.79 -21.93
C VAL E 108 15.50 10.65 -22.18
N ARG E 109 16.16 9.84 -21.37
CA ARG E 109 17.61 9.69 -21.48
C ARG E 109 18.09 8.77 -22.61
N LYS E 110 17.16 8.19 -23.34
CA LYS E 110 17.49 7.31 -24.46
C LYS E 110 18.44 6.19 -24.05
N PHE E 111 18.51 5.88 -22.75
CA PHE E 111 19.38 4.80 -22.30
C PHE E 111 18.82 3.43 -22.65
N GLY E 112 17.51 3.28 -22.53
CA GLY E 112 16.87 2.00 -22.80
C GLY E 112 17.24 1.29 -24.08
N THR E 113 17.16 -0.04 -24.06
CA THR E 113 17.50 -0.88 -25.21
C THR E 113 16.48 -1.97 -25.54
N TRP E 114 16.41 -2.33 -26.82
CA TRP E 114 15.51 -3.38 -27.31
C TRP E 114 16.35 -4.41 -28.05
N GLU E 115 16.03 -5.68 -27.87
CA GLU E 115 16.76 -6.75 -28.55
C GLU E 115 15.87 -7.92 -29.00
N LEU E 116 16.00 -8.32 -30.25
CA LEU E 116 15.23 -9.43 -30.76
C LEU E 116 16.17 -10.63 -30.67
N ILE E 117 15.77 -11.66 -29.93
CA ILE E 117 16.59 -12.84 -29.73
C ILE E 117 15.80 -14.11 -30.01
N SER E 118 16.38 -15.03 -30.79
CA SER E 118 15.69 -16.28 -31.08
C SER E 118 15.50 -17.03 -29.77
N THR E 119 14.30 -17.58 -29.58
CA THR E 119 13.92 -18.31 -28.36
C THR E 119 14.99 -19.17 -27.69
N ASP E 120 15.85 -19.80 -28.48
CA ASP E 120 16.89 -20.65 -27.91
C ASP E 120 18.05 -19.86 -27.31
N GLN E 121 18.18 -18.58 -27.69
CA GLN E 121 19.26 -17.76 -27.18
C GLN E 121 18.93 -16.97 -25.91
N VAL E 122 17.70 -17.08 -25.43
CA VAL E 122 17.31 -16.36 -24.21
C VAL E 122 18.19 -16.71 -23.02
N LEU E 123 18.30 -18.00 -22.72
CA LEU E 123 19.12 -18.42 -21.59
C LEU E 123 20.59 -18.08 -21.76
N PRO E 124 21.17 -18.32 -22.94
CA PRO E 124 22.59 -17.97 -23.05
C PRO E 124 22.83 -16.46 -22.90
N TYR E 125 21.83 -15.68 -23.25
CA TYR E 125 21.88 -14.21 -23.16
C TYR E 125 22.14 -13.78 -21.73
N PHE E 126 21.28 -14.22 -20.82
CA PHE E 126 21.44 -13.87 -19.41
C PHE E 126 22.67 -14.51 -18.78
N LEU E 127 22.95 -15.75 -19.18
CA LEU E 127 24.12 -16.44 -18.66
C LEU E 127 25.39 -15.76 -19.14
N LYS E 128 25.32 -15.14 -20.32
CA LYS E 128 26.49 -14.44 -20.85
C LYS E 128 26.62 -13.10 -20.14
N LYS E 129 25.53 -12.60 -19.59
CA LYS E 129 25.55 -11.32 -18.89
C LYS E 129 25.78 -11.54 -17.39
N LYS E 130 25.89 -12.81 -17.01
CA LYS E 130 26.15 -13.20 -15.63
C LYS E 130 25.10 -12.74 -14.62
N ILE E 131 23.84 -12.72 -15.05
CA ILE E 131 22.76 -12.30 -14.17
C ILE E 131 22.52 -13.36 -13.10
N GLY E 132 22.53 -12.92 -11.85
CA GLY E 132 22.32 -13.85 -10.75
C GLY E 132 20.91 -14.37 -10.62
N PRO E 133 20.65 -15.15 -9.56
CA PRO E 133 19.34 -15.75 -9.29
C PRO E 133 18.28 -14.72 -8.88
N GLU E 134 17.03 -15.01 -9.23
CA GLU E 134 15.93 -14.14 -8.86
C GLU E 134 15.94 -14.08 -7.33
N PRO E 135 15.42 -12.99 -6.74
CA PRO E 135 15.37 -12.82 -5.29
C PRO E 135 14.22 -13.56 -4.61
N THR E 136 14.31 -14.89 -4.61
CA THR E 136 13.29 -15.75 -4.00
C THR E 136 13.99 -16.76 -3.12
N TYR E 137 13.29 -17.27 -2.11
CA TYR E 137 13.84 -18.26 -1.19
C TYR E 137 14.23 -19.53 -1.92
N GLU E 138 13.61 -19.75 -3.07
CA GLU E 138 13.87 -20.93 -3.89
C GLU E 138 15.12 -20.84 -4.79
N ASP E 139 15.28 -19.73 -5.49
CA ASP E 139 16.44 -19.54 -6.39
C ASP E 139 17.64 -18.88 -5.72
N PHE E 140 17.39 -18.06 -4.70
CA PHE E 140 18.45 -17.35 -4.01
C PHE E 140 19.07 -18.22 -2.93
N ASP E 141 19.89 -19.19 -3.33
CA ASP E 141 20.54 -20.08 -2.39
C ASP E 141 21.45 -19.27 -1.46
N GLU E 142 21.17 -19.32 -0.16
CA GLU E 142 21.96 -18.58 0.81
C GLU E 142 23.42 -19.01 0.90
N LYS E 143 23.67 -20.32 0.77
CA LYS E 143 25.04 -20.81 0.84
C LYS E 143 25.90 -20.24 -0.29
N LEU E 144 25.44 -20.37 -1.53
CA LEU E 144 26.21 -19.83 -2.64
C LEU E 144 26.45 -18.36 -2.34
N PHE E 145 25.41 -17.68 -1.86
CA PHE E 145 25.47 -16.26 -1.51
C PHE E 145 26.57 -16.03 -0.48
N ARG E 146 26.55 -16.83 0.59
CA ARG E 146 27.56 -16.70 1.63
C ARG E 146 28.94 -16.93 1.02
N GLU E 147 29.05 -17.99 0.23
CA GLU E 147 30.31 -18.33 -0.40
C GLU E 147 30.89 -17.17 -1.21
N LYS E 148 30.11 -16.64 -2.13
CA LYS E 148 30.58 -15.52 -2.95
C LYS E 148 30.97 -14.30 -2.11
N LEU E 149 30.22 -14.04 -1.05
CA LEU E 149 30.49 -12.89 -0.19
C LEU E 149 31.78 -12.93 0.62
N ARG E 150 32.20 -14.13 1.03
CA ARG E 150 33.42 -14.24 1.83
C ARG E 150 34.66 -14.32 0.95
N LYS E 151 34.45 -14.58 -0.34
CA LYS E 151 35.53 -14.71 -1.29
C LYS E 151 35.95 -13.36 -1.86
N SER E 152 35.21 -12.30 -1.53
CA SER E 152 35.48 -10.97 -2.08
C SER E 152 35.80 -9.85 -1.10
N THR E 153 36.47 -8.82 -1.61
CA THR E 153 36.82 -7.66 -0.82
C THR E 153 36.05 -6.44 -1.36
N LYS E 154 35.18 -6.69 -2.33
CA LYS E 154 34.34 -5.63 -2.91
C LYS E 154 33.50 -5.06 -1.78
N LYS E 155 33.08 -3.82 -1.91
CA LYS E 155 32.23 -3.23 -0.88
C LYS E 155 30.84 -3.81 -1.17
N ILE E 156 30.05 -4.00 -0.10
CA ILE E 156 28.72 -4.59 -0.22
C ILE E 156 27.76 -3.92 -1.21
N LYS E 157 27.45 -2.64 -1.03
CA LYS E 157 26.51 -1.99 -1.95
C LYS E 157 26.97 -2.15 -3.41
N PRO E 158 28.19 -1.70 -3.73
CA PRO E 158 28.60 -1.88 -5.12
C PRO E 158 28.40 -3.31 -5.62
N TYR E 159 28.91 -4.28 -4.86
CA TYR E 159 28.79 -5.68 -5.26
C TYR E 159 27.36 -6.13 -5.49
N LEU E 160 26.43 -5.74 -4.63
CA LEU E 160 25.03 -6.13 -4.82
C LEU E 160 24.49 -5.53 -6.12
N LEU E 161 24.90 -4.31 -6.43
CA LEU E 161 24.44 -3.60 -7.62
C LEU E 161 24.82 -4.29 -8.92
N GLU E 162 25.79 -5.20 -8.84
CA GLU E 162 26.28 -5.93 -10.00
C GLU E 162 25.34 -6.93 -10.65
N GLN E 163 24.30 -7.34 -9.93
CA GLN E 163 23.34 -8.32 -10.45
C GLN E 163 23.92 -9.74 -10.44
N THR E 164 25.15 -9.91 -9.98
CA THR E 164 25.75 -11.23 -9.96
C THR E 164 25.32 -12.12 -8.78
N LEU E 165 25.38 -11.60 -7.56
CA LEU E 165 24.99 -12.39 -6.40
C LEU E 165 23.51 -12.63 -6.33
N VAL E 166 22.75 -11.74 -6.98
CA VAL E 166 21.30 -11.81 -7.02
C VAL E 166 20.82 -10.74 -8.00
N ALA E 167 19.66 -10.94 -8.61
CA ALA E 167 19.16 -9.99 -9.59
C ALA E 167 18.03 -9.10 -9.12
N GLY E 168 18.01 -7.86 -9.61
CA GLY E 168 16.94 -6.95 -9.28
C GLY E 168 17.25 -5.76 -8.41
N LEU E 169 18.32 -5.81 -7.64
CA LEU E 169 18.69 -4.70 -6.76
C LEU E 169 19.26 -3.50 -7.51
N GLY E 170 18.67 -2.35 -7.28
CA GLY E 170 19.12 -1.11 -7.89
C GLY E 170 19.45 -0.17 -6.75
N ASN E 171 19.71 1.09 -7.06
CA ASN E 171 20.08 2.05 -6.03
C ASN E 171 19.12 2.24 -4.88
N ILE E 172 17.82 2.26 -5.17
CA ILE E 172 16.86 2.47 -4.12
C ILE E 172 16.82 1.32 -3.14
N TYR E 173 16.53 0.13 -3.66
CA TYR E 173 16.41 -1.07 -2.83
C TYR E 173 17.68 -1.60 -2.20
N VAL E 174 18.85 -1.21 -2.68
CA VAL E 174 20.08 -1.69 -2.07
C VAL E 174 20.25 -0.85 -0.80
N ASP E 175 19.92 0.43 -0.88
CA ASP E 175 20.04 1.28 0.27
C ASP E 175 19.02 0.85 1.32
N GLU E 176 17.83 0.48 0.86
CA GLU E 176 16.78 0.04 1.78
C GLU E 176 17.19 -1.26 2.43
N VAL E 177 17.63 -2.20 1.61
CA VAL E 177 18.09 -3.51 2.08
C VAL E 177 19.22 -3.38 3.11
N LEU E 178 20.29 -2.68 2.73
CA LEU E 178 21.45 -2.50 3.60
C LEU E 178 21.12 -1.88 4.93
N TRP E 179 20.14 -0.99 4.95
CA TRP E 179 19.75 -0.36 6.20
C TRP E 179 18.97 -1.38 7.02
N LEU E 180 17.99 -2.02 6.37
CA LEU E 180 17.17 -3.03 7.02
C LEU E 180 17.99 -4.15 7.62
N ALA E 181 19.19 -4.35 7.09
CA ALA E 181 20.06 -5.40 7.62
C ALA E 181 21.18 -4.82 8.48
N LYS E 182 21.12 -3.52 8.73
CA LYS E 182 22.12 -2.84 9.54
C LYS E 182 23.56 -3.01 9.05
N ILE E 183 23.73 -3.11 7.73
CA ILE E 183 25.05 -3.24 7.16
C ILE E 183 25.43 -1.94 6.45
N HIS E 184 26.64 -1.44 6.73
CA HIS E 184 27.11 -0.21 6.12
C HIS E 184 27.47 -0.54 4.67
N PRO E 185 26.98 0.27 3.73
CA PRO E 185 27.20 0.09 2.29
C PRO E 185 28.64 -0.07 1.83
N GLU E 186 29.59 0.37 2.64
CA GLU E 186 31.01 0.25 2.27
C GLU E 186 31.69 -0.94 2.94
N LYS E 187 30.93 -1.68 3.73
CA LYS E 187 31.43 -2.85 4.44
C LYS E 187 31.93 -3.86 3.42
N GLU E 188 33.13 -4.39 3.62
CA GLU E 188 33.68 -5.37 2.69
C GLU E 188 33.06 -6.75 2.94
N THR E 189 32.44 -7.29 1.90
CA THR E 189 31.76 -8.57 1.98
C THR E 189 32.47 -9.68 2.74
N ASN E 190 33.78 -9.78 2.61
CA ASN E 190 34.53 -10.83 3.29
C ASN E 190 34.60 -10.69 4.81
N GLN E 191 34.06 -9.59 5.34
CA GLN E 191 34.08 -9.39 6.80
C GLN E 191 32.73 -9.72 7.41
N LEU E 192 31.70 -9.77 6.59
CA LEU E 192 30.35 -10.05 7.05
C LEU E 192 30.24 -11.38 7.79
N ILE E 193 29.59 -11.34 8.95
CA ILE E 193 29.36 -12.52 9.75
C ILE E 193 28.17 -13.24 9.14
N GLU E 194 28.08 -14.55 9.30
CA GLU E 194 26.97 -15.31 8.71
C GLU E 194 25.62 -14.73 9.08
N SER E 195 25.42 -14.47 10.37
CA SER E 195 24.15 -13.92 10.82
C SER E 195 23.81 -12.67 10.03
N SER E 196 24.83 -11.91 9.62
CA SER E 196 24.61 -10.72 8.82
C SER E 196 24.20 -11.15 7.43
N ILE E 197 24.96 -12.08 6.85
CA ILE E 197 24.68 -12.56 5.51
C ILE E 197 23.26 -13.09 5.44
N HIS E 198 22.90 -13.92 6.42
CA HIS E 198 21.58 -14.50 6.49
C HIS E 198 20.48 -13.43 6.56
N LEU E 199 20.71 -12.41 7.37
CA LEU E 199 19.75 -11.31 7.52
C LEU E 199 19.67 -10.53 6.23
N LEU E 200 20.82 -10.35 5.57
CA LEU E 200 20.90 -9.61 4.31
C LEU E 200 20.13 -10.36 3.23
N HIS E 201 20.45 -11.63 3.07
CA HIS E 201 19.81 -12.49 2.10
C HIS E 201 18.28 -12.42 2.24
N ASP E 202 17.79 -12.52 3.48
CA ASP E 202 16.36 -12.46 3.75
C ASP E 202 15.76 -11.06 3.53
N SER E 203 16.51 -10.02 3.91
CA SER E 203 16.02 -8.66 3.73
C SER E 203 15.89 -8.34 2.24
N ILE E 204 16.76 -8.96 1.45
CA ILE E 204 16.72 -8.76 0.01
C ILE E 204 15.38 -9.25 -0.52
N ILE E 205 15.15 -10.55 -0.35
CA ILE E 205 13.92 -11.17 -0.81
C ILE E 205 12.70 -10.44 -0.24
N GLU E 206 12.77 -10.13 1.04
CA GLU E 206 11.69 -9.44 1.73
C GLU E 206 11.35 -8.08 1.16
N ILE E 207 12.32 -7.17 1.09
CA ILE E 207 12.06 -5.82 0.58
C ILE E 207 11.65 -5.79 -0.89
N LEU E 208 12.24 -6.64 -1.73
CA LEU E 208 11.90 -6.64 -3.15
C LEU E 208 10.51 -7.21 -3.33
N GLN E 209 10.13 -8.09 -2.41
CA GLN E 209 8.82 -8.69 -2.51
C GLN E 209 7.80 -7.66 -2.00
N LYS E 210 8.15 -6.95 -0.94
CA LYS E 210 7.25 -5.95 -0.41
C LYS E 210 7.02 -4.88 -1.47
N ALA E 211 8.08 -4.58 -2.21
CA ALA E 211 7.99 -3.56 -3.25
C ALA E 211 7.09 -4.01 -4.38
N ILE E 212 7.18 -5.28 -4.76
CA ILE E 212 6.36 -5.80 -5.84
C ILE E 212 4.89 -5.59 -5.50
N LYS E 213 4.48 -5.99 -4.30
CA LYS E 213 3.10 -5.86 -3.90
C LYS E 213 2.60 -4.41 -3.77
N LEU E 214 3.50 -3.47 -3.48
CA LEU E 214 3.10 -2.09 -3.36
C LEU E 214 3.14 -1.38 -4.71
N GLY E 215 3.29 -2.16 -5.77
CA GLY E 215 3.32 -1.60 -7.11
C GLY E 215 4.63 -0.90 -7.44
N GLY E 216 5.65 -1.11 -6.61
CA GLY E 216 6.93 -0.47 -6.83
C GLY E 216 6.93 0.99 -6.42
N SER E 217 8.11 1.60 -6.35
CA SER E 217 8.22 3.00 -5.95
C SER E 217 8.22 3.93 -7.15
N SER E 218 7.13 3.93 -7.92
CA SER E 218 7.06 4.78 -9.10
C SER E 218 6.83 6.27 -8.80
N ILE E 219 7.93 7.02 -8.73
CA ILE E 219 7.91 8.46 -8.47
C ILE E 219 7.27 9.20 -9.65
N SER E 227 3.84 2.34 -12.78
CA SER E 227 3.49 3.66 -12.24
C SER E 227 2.54 3.47 -11.04
N THR E 228 1.91 4.56 -10.61
CA THR E 228 0.96 4.53 -9.48
C THR E 228 1.37 3.46 -8.44
N GLY E 229 2.60 3.59 -7.94
CA GLY E 229 3.11 2.66 -6.95
C GLY E 229 3.07 3.27 -5.57
N LYS E 230 3.13 2.44 -4.52
CA LYS E 230 3.06 2.94 -3.16
C LYS E 230 4.27 2.54 -2.28
N GLN E 232 7.23 3.91 -2.40
CA GLN E 232 7.99 5.09 -2.04
C GLN E 232 7.50 5.64 -0.71
N ASN E 233 6.33 5.19 -0.29
CA ASN E 233 5.75 5.64 0.96
C ASN E 233 6.34 4.89 2.15
N GLU E 234 7.10 3.86 1.88
CA GLU E 234 7.68 3.10 2.97
C GLU E 234 9.19 2.97 2.92
N LEU E 235 9.84 3.96 2.31
CA LEU E 235 11.28 3.97 2.21
C LEU E 235 11.84 4.54 3.50
N GLN E 236 12.76 3.81 4.15
CA GLN E 236 13.30 4.23 5.43
C GLN E 236 14.55 5.09 5.25
N VAL E 237 15.29 5.06 4.17
CA VAL E 237 16.50 5.86 4.06
C VAL E 237 16.82 6.45 2.70
N TYR E 238 16.31 5.85 1.63
CA TYR E 238 16.59 6.36 0.29
C TYR E 238 16.00 7.74 0.13
N GLY E 239 16.86 8.73 -0.10
CA GLY E 239 16.41 10.10 -0.27
C GLY E 239 15.97 10.83 1.00
N LYS E 240 16.04 10.16 2.14
CA LYS E 240 15.63 10.77 3.40
C LYS E 240 16.79 11.52 4.04
N THR E 241 17.72 11.99 3.22
CA THR E 241 18.87 12.73 3.72
C THR E 241 18.44 13.79 4.71
N GLY E 242 19.01 13.73 5.91
CA GLY E 242 18.69 14.72 6.93
C GLY E 242 17.55 14.37 7.86
N GLU E 243 16.79 13.33 7.54
CA GLU E 243 15.69 12.93 8.38
C GLU E 243 16.13 11.90 9.42
N LYS E 244 15.35 11.74 10.48
CA LYS E 244 15.72 10.82 11.54
C LYS E 244 15.46 9.35 11.25
N CYS E 245 16.38 8.50 11.71
CA CYS E 245 16.32 7.06 11.52
C CYS E 245 15.18 6.41 12.25
N SER E 246 14.37 5.70 11.48
CA SER E 246 13.20 4.99 11.96
C SER E 246 13.40 4.31 13.29
N ARG E 247 14.60 3.81 13.51
CA ARG E 247 14.92 3.09 14.75
C ARG E 247 15.71 3.89 15.78
N CYS E 248 16.95 4.26 15.45
CA CYS E 248 17.79 5.00 16.40
C CYS E 248 17.56 6.52 16.38
N GLY E 249 16.84 7.00 15.38
CA GLY E 249 16.54 8.42 15.29
C GLY E 249 17.64 9.33 14.76
N ALA E 250 18.79 8.76 14.45
CA ALA E 250 19.90 9.57 13.95
C ALA E 250 19.56 10.13 12.56
N GLU E 251 20.25 11.18 12.16
CA GLU E 251 20.00 11.80 10.85
C GLU E 251 20.56 10.97 9.72
N ILE E 252 19.70 10.55 8.81
CA ILE E 252 20.14 9.77 7.67
C ILE E 252 21.16 10.58 6.90
N GLN E 253 22.30 9.99 6.59
CA GLN E 253 23.33 10.69 5.85
C GLN E 253 23.39 10.18 4.41
N LYS E 254 23.87 11.04 3.53
CA LYS E 254 23.99 10.69 2.13
C LYS E 254 25.44 10.88 1.73
N ILE E 255 26.00 9.87 1.08
CA ILE E 255 27.38 9.91 0.64
C ILE E 255 27.49 9.23 -0.71
N LYS E 256 28.67 9.31 -1.32
CA LYS E 256 28.91 8.70 -2.62
C LYS E 256 29.78 7.45 -2.47
N VAL E 257 29.28 6.34 -3.02
CA VAL E 257 30.00 5.08 -3.00
C VAL E 257 29.99 4.62 -4.45
N ALA E 258 31.18 4.39 -4.99
CA ALA E 258 31.30 3.96 -6.38
C ALA E 258 30.45 4.86 -7.30
N GLY E 259 30.41 6.15 -6.96
CA GLY E 259 29.67 7.10 -7.77
C GLY E 259 28.15 7.12 -7.65
N ARG E 260 27.62 6.44 -6.64
CA ARG E 260 26.19 6.39 -6.47
C ARG E 260 25.71 7.04 -5.19
N GLY E 261 24.61 7.78 -5.29
CA GLY E 261 24.05 8.40 -4.11
C GLY E 261 23.77 7.25 -3.19
N THR E 262 24.23 7.35 -1.94
CA THR E 262 24.04 6.30 -0.95
C THR E 262 23.45 6.85 0.33
N HIS E 263 22.32 6.30 0.73
CA HIS E 263 21.64 6.73 1.93
C HIS E 263 21.75 5.63 2.98
N PHE E 264 22.14 6.02 4.20
CA PHE E 264 22.29 5.05 5.27
C PHE E 264 22.23 5.76 6.61
N CYS E 265 22.31 4.97 7.68
CA CYS E 265 22.30 5.53 9.02
C CYS E 265 23.66 5.29 9.68
N PRO E 266 24.31 6.37 10.15
CA PRO E 266 25.61 6.30 10.79
C PRO E 266 25.66 5.28 11.92
N VAL E 267 24.57 5.19 12.68
CA VAL E 267 24.50 4.27 13.82
C VAL E 267 24.01 2.84 13.55
N CYS E 268 22.86 2.70 12.88
CA CYS E 268 22.34 1.37 12.59
C CYS E 268 23.25 0.63 11.64
N GLN E 269 23.84 1.38 10.72
CA GLN E 269 24.74 0.80 9.73
C GLN E 269 26.17 1.13 10.17
N GLN E 270 26.70 0.32 11.07
CA GLN E 270 28.03 0.51 11.64
C GLN E 270 29.18 0.35 10.64
N LYS E 271 29.52 -0.88 10.29
CA LYS E 271 30.60 -1.10 9.35
C LYS E 271 31.76 -0.15 9.59
N GLY F 1 -20.07 7.10 12.42
CA GLY F 1 -18.80 6.87 13.17
C GLY F 1 -17.95 5.82 12.48
N GLU F 2 -17.40 6.16 11.33
CA GLU F 2 -16.56 5.20 10.61
C GLU F 2 -15.12 5.67 10.72
N LEU F 3 -14.17 4.84 10.32
CA LEU F 3 -12.77 5.21 10.42
C LEU F 3 -12.43 6.64 10.04
N PRO F 4 -12.96 7.15 8.93
CA PRO F 4 -12.63 8.53 8.59
C PRO F 4 -12.98 9.52 9.71
N GLU F 5 -14.24 9.49 10.15
CA GLU F 5 -14.71 10.37 11.21
C GLU F 5 -13.96 10.18 12.53
N VAL F 6 -13.64 8.93 12.87
CA VAL F 6 -12.94 8.66 14.12
C VAL F 6 -11.52 9.21 14.05
N GLU F 7 -10.86 9.05 12.91
CA GLU F 7 -9.48 9.55 12.75
C GLU F 7 -9.46 11.08 12.84
N THR F 8 -10.52 11.71 12.36
CA THR F 8 -10.62 13.16 12.40
C THR F 8 -10.74 13.63 13.84
N VAL F 9 -11.43 12.85 14.65
CA VAL F 9 -11.59 13.18 16.06
C VAL F 9 -10.26 12.95 16.79
N ARG F 10 -9.53 11.92 16.38
CA ARG F 10 -8.27 11.60 17.02
C ARG F 10 -7.29 12.75 16.89
N ARG F 11 -7.19 13.30 15.69
CA ARG F 11 -6.28 14.42 15.43
C ARG F 11 -6.73 15.68 16.15
N GLU F 12 -8.03 15.96 16.12
CA GLU F 12 -8.55 17.13 16.81
C GLU F 12 -8.08 17.04 18.25
N LEU F 13 -8.48 15.96 18.93
CA LEU F 13 -8.05 15.75 20.31
C LEU F 13 -6.55 15.88 20.31
N GLU F 14 -5.91 15.02 19.52
CA GLU F 14 -4.46 15.00 19.37
C GLU F 14 -3.87 16.37 19.69
N LYS F 15 -4.17 17.33 18.83
CA LYS F 15 -3.63 18.68 19.00
C LYS F 15 -4.37 19.58 19.98
N ARG F 16 -4.50 19.15 21.22
CA ARG F 16 -5.17 19.96 22.23
C ARG F 16 -5.24 19.34 23.63
N ILE F 17 -5.01 18.03 23.72
CA ILE F 17 -5.07 17.39 25.02
C ILE F 17 -3.86 16.52 25.27
N VAL F 18 -3.19 16.12 24.20
CA VAL F 18 -2.01 15.28 24.34
C VAL F 18 -1.03 16.02 25.24
N GLY F 19 -0.63 15.36 26.31
CA GLY F 19 0.29 15.97 27.24
C GLY F 19 -0.43 16.58 28.42
N GLN F 20 -1.60 17.17 28.15
CA GLN F 20 -2.36 17.80 29.23
C GLN F 20 -2.38 16.85 30.43
N LYS F 21 -2.71 17.40 31.60
CA LYS F 21 -2.75 16.58 32.82
C LYS F 21 -4.17 16.26 33.27
N ILE F 22 -4.38 15.01 33.66
CA ILE F 22 -5.70 14.55 34.10
C ILE F 22 -5.93 14.85 35.58
N ILE F 23 -6.57 15.98 35.88
CA ILE F 23 -6.83 16.34 37.27
C ILE F 23 -7.72 15.30 37.92
N SER F 24 -8.89 15.09 37.33
CA SER F 24 -9.85 14.10 37.82
C SER F 24 -10.78 13.69 36.69
N ILE F 25 -11.55 12.63 36.93
CA ILE F 25 -12.49 12.13 35.95
C ILE F 25 -13.87 11.91 36.56
N GLU F 26 -14.85 12.69 36.10
CA GLU F 26 -16.22 12.57 36.61
C GLU F 26 -17.14 11.83 35.63
N ALA F 27 -18.06 11.04 36.17
CA ALA F 27 -18.98 10.28 35.35
C ALA F 27 -20.41 10.25 35.87
N THR F 28 -21.37 10.50 34.99
CA THR F 28 -22.79 10.46 35.34
C THR F 28 -23.42 9.18 34.78
N TYR F 29 -22.72 8.53 33.87
CA TYR F 29 -23.19 7.27 33.29
C TYR F 29 -22.03 6.27 33.28
N PRO F 30 -21.38 6.08 34.44
CA PRO F 30 -20.25 5.19 34.65
C PRO F 30 -20.23 3.77 34.06
N ARG F 31 -21.38 3.10 33.99
CA ARG F 31 -21.41 1.73 33.47
C ARG F 31 -20.86 1.68 32.05
N VAL F 33 -18.39 2.65 31.08
CA VAL F 33 -17.01 2.22 31.24
C VAL F 33 -17.05 0.73 31.60
N LEU F 34 -16.95 -0.11 30.57
CA LEU F 34 -17.01 -1.56 30.72
C LEU F 34 -16.04 -2.18 31.73
N THR F 35 -14.90 -1.53 31.97
CA THR F 35 -13.92 -2.06 32.89
C THR F 35 -13.96 -1.43 34.29
N GLY F 36 -15.09 -0.81 34.62
CA GLY F 36 -15.23 -0.19 35.93
C GLY F 36 -14.67 1.21 35.95
N PHE F 37 -15.55 2.20 35.95
CA PHE F 37 -15.13 3.60 35.97
C PHE F 37 -14.35 3.89 37.25
N GLU F 38 -14.79 3.29 38.35
CA GLU F 38 -14.12 3.50 39.62
C GLU F 38 -12.67 3.12 39.45
N GLN F 39 -12.45 1.87 39.03
CA GLN F 39 -11.10 1.38 38.79
C GLN F 39 -10.38 2.34 37.84
N LEU F 40 -11.08 2.79 36.79
CA LEU F 40 -10.49 3.70 35.82
C LEU F 40 -10.18 5.09 36.38
N LYS F 41 -10.90 5.52 37.41
CA LYS F 41 -10.63 6.83 37.98
C LYS F 41 -9.44 6.76 38.92
N LYS F 42 -9.33 5.66 39.66
CA LYS F 42 -8.24 5.47 40.61
C LYS F 42 -6.88 5.47 39.94
N GLU F 43 -6.85 5.08 38.67
CA GLU F 43 -5.61 4.98 37.93
C GLU F 43 -5.24 6.13 36.98
N LEU F 44 -6.24 6.72 36.34
CA LEU F 44 -5.96 7.81 35.40
C LEU F 44 -5.90 9.20 36.03
N THR F 45 -6.46 9.36 37.24
CA THR F 45 -6.47 10.66 37.90
C THR F 45 -5.04 11.12 38.26
N GLY F 46 -4.74 12.36 37.88
CA GLY F 46 -3.42 12.92 38.12
C GLY F 46 -2.40 12.43 37.10
N LYS F 47 -2.85 12.13 35.88
CA LYS F 47 -1.96 11.63 34.84
C LYS F 47 -1.71 12.58 33.67
N THR F 48 -0.94 12.09 32.71
CA THR F 48 -0.59 12.88 31.54
C THR F 48 -0.99 12.16 30.25
N ILE F 49 -1.49 12.93 29.28
CA ILE F 49 -1.91 12.38 27.99
C ILE F 49 -0.73 12.18 27.04
N GLN F 50 -0.14 11.00 27.07
CA GLN F 50 0.99 10.70 26.19
C GLN F 50 0.62 10.84 24.72
N GLY F 51 -0.36 10.05 24.28
CA GLY F 51 -0.78 10.11 22.88
C GLY F 51 -2.15 9.52 22.58
N ILE F 52 -2.67 9.85 21.40
CA ILE F 52 -3.98 9.37 20.96
C ILE F 52 -3.84 8.65 19.62
N SER F 53 -3.83 7.33 19.64
CA SER F 53 -3.73 6.59 18.38
C SER F 53 -5.10 6.02 18.02
N ARG F 54 -5.19 5.34 16.88
CA ARG F 54 -6.45 4.76 16.42
C ARG F 54 -6.21 3.41 15.77
N ARG F 55 -7.21 2.55 15.87
CA ARG F 55 -7.13 1.21 15.28
C ARG F 55 -8.54 0.87 14.82
N GLY F 56 -8.81 1.01 13.52
CA GLY F 56 -10.14 0.72 13.04
C GLY F 56 -11.01 1.87 13.52
N LYS F 57 -12.16 1.57 14.11
CA LYS F 57 -13.02 2.64 14.60
C LYS F 57 -12.79 2.94 16.09
N TYR F 58 -11.74 2.35 16.68
CA TYR F 58 -11.42 2.55 18.09
C TYR F 58 -10.37 3.61 18.40
N LEU F 59 -10.69 4.53 19.30
CA LEU F 59 -9.74 5.56 19.74
C LEU F 59 -8.94 4.92 20.89
N ILE F 60 -7.65 5.22 20.97
CA ILE F 60 -6.84 4.67 22.05
C ILE F 60 -6.07 5.77 22.75
N PHE F 61 -6.53 6.14 23.94
CA PHE F 61 -5.86 7.17 24.72
C PHE F 61 -4.70 6.52 25.44
N GLU F 62 -3.51 7.08 25.27
CA GLU F 62 -2.32 6.58 25.93
C GLU F 62 -2.03 7.51 27.10
N ILE F 63 -2.34 7.04 28.31
CA ILE F 63 -2.14 7.81 29.53
C ILE F 63 -1.19 7.03 30.42
N GLY F 64 0.04 7.50 30.54
CA GLY F 64 1.01 6.79 31.35
C GLY F 64 1.32 5.48 30.64
N ASP F 65 2.59 5.23 30.36
CA ASP F 65 2.96 4.02 29.65
C ASP F 65 2.59 2.70 30.34
N ASP F 66 1.50 2.72 31.10
CA ASP F 66 1.03 1.52 31.79
C ASP F 66 -0.41 1.16 31.38
N PHE F 67 -1.24 2.16 31.08
CA PHE F 67 -2.61 1.89 30.65
C PHE F 67 -3.01 2.66 29.39
N ARG F 68 -3.83 2.03 28.56
CA ARG F 68 -4.35 2.65 27.35
C ARG F 68 -5.87 2.62 27.44
N LEU F 69 -6.51 3.73 27.07
CA LEU F 69 -7.96 3.84 27.13
C LEU F 69 -8.60 3.64 25.76
N ILE F 70 -9.18 2.46 25.54
CA ILE F 70 -9.83 2.15 24.27
C ILE F 70 -11.22 2.79 24.24
N SER F 71 -11.42 3.76 23.34
CA SER F 71 -12.71 4.43 23.24
C SER F 71 -13.38 4.09 21.92
N HIS F 72 -14.66 3.75 21.97
CA HIS F 72 -15.42 3.44 20.76
C HIS F 72 -16.68 4.30 20.77
N LEU F 73 -16.89 5.06 19.70
CA LEU F 73 -18.05 5.97 19.59
C LEU F 73 -19.34 5.32 19.08
N ARG F 74 -19.29 4.08 18.63
CA ARG F 74 -20.47 3.41 18.08
C ARG F 74 -21.24 4.32 17.14
N GLU F 76 -23.16 7.22 17.81
CA GLU F 76 -23.14 8.66 17.97
C GLU F 76 -22.32 9.23 19.11
N GLY F 77 -21.31 8.50 19.56
CA GLY F 77 -20.49 9.03 20.62
C GLY F 77 -19.86 10.30 20.11
N LYS F 78 -19.64 11.27 20.97
CA LYS F 78 -19.00 12.49 20.52
C LYS F 78 -18.32 13.25 21.64
N TYR F 79 -17.06 13.61 21.37
CA TYR F 79 -16.22 14.35 22.30
C TYR F 79 -16.27 15.84 22.00
N ARG F 80 -15.99 16.65 23.02
CA ARG F 80 -16.00 18.10 22.85
C ARG F 80 -15.28 18.70 24.03
N LEU F 81 -14.48 19.73 23.76
CA LEU F 81 -13.77 20.41 24.85
C LEU F 81 -14.56 21.65 25.15
N ALA F 82 -14.82 21.90 26.43
CA ALA F 82 -15.58 23.07 26.83
C ALA F 82 -15.07 23.64 28.15
N THR F 83 -15.66 24.75 28.58
CA THR F 83 -15.27 25.40 29.82
C THR F 83 -15.41 24.51 31.05
N LEU F 84 -14.55 24.75 32.04
CA LEU F 84 -14.55 23.98 33.28
C LEU F 84 -15.85 24.08 34.05
N ASP F 85 -16.58 25.18 33.87
CA ASP F 85 -17.85 25.38 34.56
C ASP F 85 -19.01 25.22 33.59
N ALA F 86 -18.70 24.80 32.36
CA ALA F 86 -19.73 24.60 31.34
C ALA F 86 -20.82 23.72 31.94
N PRO F 87 -22.09 24.02 31.61
CA PRO F 87 -23.20 23.23 32.14
C PRO F 87 -23.28 21.81 31.54
N ARG F 88 -23.88 20.89 32.30
CA ARG F 88 -24.00 19.52 31.87
C ARG F 88 -25.21 19.19 31.03
N GLU F 89 -24.99 18.97 29.73
CA GLU F 89 -26.06 18.64 28.79
C GLU F 89 -26.68 17.26 29.01
N LYS F 90 -27.88 17.10 28.48
CA LYS F 90 -28.66 15.88 28.61
C LYS F 90 -27.97 14.51 28.44
N HIS F 91 -27.16 14.35 27.41
CA HIS F 91 -26.52 13.05 27.18
C HIS F 91 -25.03 12.97 27.42
N ASP F 92 -24.53 13.79 28.33
CA ASP F 92 -23.12 13.78 28.68
C ASP F 92 -22.98 12.65 29.69
N HIS F 93 -21.94 11.86 29.56
CA HIS F 93 -21.75 10.74 30.47
C HIS F 93 -20.40 10.74 31.18
N LEU F 94 -19.39 11.33 30.54
CA LEU F 94 -18.07 11.35 31.15
C LEU F 94 -17.39 12.65 30.87
N THR F 95 -16.49 13.01 31.77
CA THR F 95 -15.74 14.25 31.63
C THR F 95 -14.36 14.04 32.21
N LYS F 97 -11.54 16.36 33.30
CA LYS F 97 -11.02 17.66 33.63
C LYS F 97 -9.56 17.90 33.48
N PHE F 98 -9.27 19.00 32.82
CA PHE F 98 -7.91 19.41 32.58
C PHE F 98 -7.53 20.59 33.46
N ALA F 99 -6.25 20.95 33.41
CA ALA F 99 -5.77 22.06 34.19
C ALA F 99 -6.42 23.37 33.72
N ASP F 100 -6.71 23.45 32.42
CA ASP F 100 -7.30 24.66 31.86
C ASP F 100 -8.61 24.42 31.11
N GLY F 101 -9.14 23.20 31.21
CA GLY F 101 -10.38 22.87 30.52
C GLY F 101 -10.84 21.44 30.79
N GLN F 102 -11.78 20.94 29.99
CA GLN F 102 -12.27 19.57 30.19
C GLN F 102 -12.66 18.85 28.91
N LEU F 103 -12.43 17.55 28.88
CA LEU F 103 -12.79 16.74 27.72
C LEU F 103 -14.11 16.07 28.07
N ILE F 104 -15.17 16.41 27.36
CA ILE F 104 -16.46 15.83 27.64
C ILE F 104 -16.91 14.78 26.65
N TYR F 105 -17.26 13.60 27.14
CA TYR F 105 -17.76 12.59 26.24
C TYR F 105 -19.28 12.57 26.35
N ALA F 106 -19.96 12.64 25.21
CA ALA F 106 -21.42 12.63 25.17
C ALA F 106 -21.87 11.58 24.18
N ASP F 107 -23.07 11.05 24.40
N ASP F 107 -23.09 11.09 24.33
CA ASP F 107 -23.63 10.02 23.53
CA ASP F 107 -23.58 10.09 23.41
C ASP F 107 -25.11 9.78 23.86
C ASP F 107 -24.95 10.46 22.87
N VAL F 108 -25.98 10.23 22.95
N VAL F 108 -25.98 9.89 23.51
CA VAL F 108 -27.43 10.09 23.10
CA VAL F 108 -27.39 10.05 23.18
C VAL F 108 -27.94 8.67 23.32
C VAL F 108 -27.98 8.66 23.31
N ARG F 109 -27.47 7.72 22.52
CA ARG F 109 -27.92 6.34 22.57
C ARG F 109 -27.16 5.45 23.58
N LYS F 110 -26.14 6.00 24.20
CA LYS F 110 -25.34 5.28 25.20
C LYS F 110 -24.75 3.99 24.65
N PHE F 111 -24.41 4.03 23.37
CA PHE F 111 -23.80 2.87 22.72
C PHE F 111 -22.28 2.88 22.93
N GLY F 112 -21.70 4.07 22.99
CA GLY F 112 -20.27 4.22 23.17
C GLY F 112 -19.70 3.54 24.39
N THR F 113 -18.45 3.08 24.30
CA THR F 113 -17.82 2.39 25.43
C THR F 113 -16.39 2.82 25.71
N TRP F 114 -16.01 2.65 26.97
CA TRP F 114 -14.69 2.98 27.48
C TRP F 114 -14.16 1.74 28.21
N GLU F 115 -12.93 1.35 27.91
CA GLU F 115 -12.31 0.20 28.58
C GLU F 115 -10.87 0.57 28.90
N LEU F 116 -10.47 0.32 30.14
CA LEU F 116 -9.11 0.62 30.53
C LEU F 116 -8.38 -0.69 30.33
N ILE F 117 -7.26 -0.61 29.62
CA ILE F 117 -6.47 -1.80 29.32
C ILE F 117 -4.98 -1.57 29.57
N SER F 118 -4.28 -2.61 30.01
CA SER F 118 -2.85 -2.52 30.25
C SER F 118 -2.22 -2.57 28.85
N THR F 119 -1.13 -1.83 28.64
CA THR F 119 -0.51 -1.82 27.32
C THR F 119 -0.30 -3.21 26.71
N ASP F 120 0.22 -4.14 27.49
CA ASP F 120 0.45 -5.49 26.99
C ASP F 120 -0.83 -6.19 26.58
N GLN F 121 -1.95 -5.47 26.65
CA GLN F 121 -3.23 -6.08 26.28
C GLN F 121 -3.87 -5.44 25.05
N VAL F 122 -3.21 -4.41 24.50
CA VAL F 122 -3.75 -3.74 23.33
C VAL F 122 -3.96 -4.75 22.20
N LEU F 123 -2.88 -5.25 21.61
CA LEU F 123 -2.99 -6.22 20.53
C LEU F 123 -3.89 -7.42 20.83
N PRO F 124 -3.68 -8.11 21.95
CA PRO F 124 -4.57 -9.25 22.20
C PRO F 124 -6.03 -8.81 22.27
N TYR F 125 -6.25 -7.52 22.49
CA TYR F 125 -7.60 -6.97 22.54
C TYR F 125 -8.19 -6.98 21.14
N PHE F 126 -7.49 -6.33 20.21
CA PHE F 126 -7.94 -6.27 18.83
C PHE F 126 -7.88 -7.63 18.15
N LEU F 127 -6.84 -8.40 18.45
CA LEU F 127 -6.69 -9.72 17.87
C LEU F 127 -7.79 -10.63 18.39
N LYS F 128 -8.29 -10.36 19.60
CA LYS F 128 -9.37 -11.18 20.16
C LYS F 128 -10.69 -10.74 19.54
N LYS F 129 -10.73 -9.51 19.04
CA LYS F 129 -11.95 -9.00 18.43
C LYS F 129 -11.92 -9.24 16.92
N LYS F 130 -10.83 -9.83 16.45
CA LYS F 130 -10.66 -10.17 15.05
C LYS F 130 -10.71 -8.98 14.08
N ILE F 131 -10.20 -7.84 14.51
CA ILE F 131 -10.20 -6.65 13.69
C ILE F 131 -9.18 -6.81 12.56
N GLY F 132 -9.65 -6.61 11.34
CA GLY F 132 -8.78 -6.74 10.18
C GLY F 132 -7.75 -5.65 10.03
N PRO F 133 -6.99 -5.68 8.93
CA PRO F 133 -5.93 -4.71 8.64
C PRO F 133 -6.44 -3.31 8.31
N GLU F 134 -5.66 -2.30 8.66
CA GLU F 134 -6.04 -0.93 8.36
C GLU F 134 -6.20 -0.84 6.84
N PRO F 135 -7.01 0.10 6.35
CA PRO F 135 -7.23 0.26 4.90
C PRO F 135 -6.13 1.04 4.19
N THR F 136 -4.94 0.43 4.12
CA THR F 136 -3.79 1.05 3.46
C THR F 136 -3.20 0.04 2.50
N TYR F 137 -2.50 0.52 1.47
CA TYR F 137 -1.88 -0.35 0.47
C TYR F 137 -0.83 -1.25 1.13
N GLU F 138 -0.31 -0.82 2.28
CA GLU F 138 0.70 -1.57 2.99
C GLU F 138 0.17 -2.70 3.87
N ASP F 139 -0.88 -2.44 4.63
CA ASP F 139 -1.46 -3.45 5.53
C ASP F 139 -2.58 -4.27 4.90
N PHE F 140 -3.29 -3.65 3.96
CA PHE F 140 -4.40 -4.32 3.29
C PHE F 140 -3.90 -5.20 2.14
N ASP F 141 -3.34 -6.35 2.47
CA ASP F 141 -2.84 -7.27 1.46
C ASP F 141 -3.99 -7.73 0.57
N GLU F 142 -3.90 -7.45 -0.73
CA GLU F 142 -4.96 -7.83 -1.66
C GLU F 142 -5.14 -9.33 -1.79
N LYS F 143 -4.05 -10.10 -1.74
CA LYS F 143 -4.14 -11.54 -1.86
C LYS F 143 -4.96 -12.15 -0.72
N LEU F 144 -4.58 -11.83 0.51
CA LEU F 144 -5.32 -12.36 1.64
C LEU F 144 -6.78 -11.98 1.43
N PHE F 145 -7.00 -10.73 1.01
CA PHE F 145 -8.36 -10.22 0.75
C PHE F 145 -9.07 -11.07 -0.29
N ARG F 146 -8.41 -11.30 -1.43
N ARG F 146 -8.42 -11.30 -1.43
CA ARG F 146 -8.98 -12.11 -2.51
CA ARG F 146 -9.00 -12.10 -2.50
C ARG F 146 -9.30 -13.51 -1.99
C ARG F 146 -9.31 -13.51 -1.99
N GLU F 147 -8.35 -14.10 -1.28
CA GLU F 147 -8.53 -15.43 -0.74
C GLU F 147 -9.77 -15.52 0.14
N LYS F 148 -9.90 -14.63 1.12
CA LYS F 148 -11.07 -14.66 1.98
C LYS F 148 -12.38 -14.47 1.22
N LEU F 149 -12.37 -13.62 0.19
CA LEU F 149 -13.57 -13.36 -0.60
C LEU F 149 -14.09 -14.52 -1.44
N ARG F 150 -13.21 -15.38 -1.92
CA ARG F 150 -13.65 -16.50 -2.75
C ARG F 150 -14.03 -17.70 -1.92
N LYS F 151 -13.65 -17.67 -0.65
CA LYS F 151 -13.93 -18.76 0.28
C LYS F 151 -15.30 -18.62 0.93
N SER F 152 -15.97 -17.49 0.68
CA SER F 152 -17.28 -17.22 1.30
C SER F 152 -18.48 -17.00 0.38
N THR F 153 -19.66 -17.23 0.94
CA THR F 153 -20.91 -17.03 0.22
C THR F 153 -21.67 -15.86 0.85
N LYS F 154 -21.04 -15.22 1.83
CA LYS F 154 -21.64 -14.06 2.49
C LYS F 154 -21.86 -13.00 1.42
N LYS F 155 -22.82 -12.11 1.63
CA LYS F 155 -23.05 -11.03 0.67
C LYS F 155 -21.94 -10.01 0.95
N ILE F 156 -21.48 -9.33 -0.11
CA ILE F 156 -20.40 -8.37 0.00
C ILE F 156 -20.58 -7.27 1.05
N LYS F 157 -21.60 -6.45 0.94
CA LYS F 157 -21.79 -5.37 1.93
C LYS F 157 -21.76 -5.92 3.37
N PRO F 158 -22.67 -6.85 3.71
CA PRO F 158 -22.60 -7.35 5.08
C PRO F 158 -21.18 -7.78 5.47
N TYR F 159 -20.54 -8.62 4.63
CA TYR F 159 -19.19 -9.11 4.94
C TYR F 159 -18.18 -7.99 5.18
N LEU F 160 -18.21 -6.95 4.37
CA LEU F 160 -17.27 -5.83 4.57
C LEU F 160 -17.54 -5.15 5.92
N LEU F 161 -18.81 -5.06 6.30
CA LEU F 161 -19.20 -4.40 7.55
C LEU F 161 -18.66 -5.09 8.78
N GLU F 162 -18.25 -6.35 8.62
CA GLU F 162 -17.71 -7.16 9.73
C GLU F 162 -16.39 -6.73 10.32
N GLN F 163 -15.61 -5.92 9.60
CA GLN F 163 -14.31 -5.46 10.09
C GLN F 163 -13.25 -6.56 9.98
N THR F 164 -13.63 -7.73 9.47
CA THR F 164 -12.67 -8.81 9.35
C THR F 164 -11.74 -8.73 8.14
N LEU F 165 -12.30 -8.51 6.96
CA LEU F 165 -11.48 -8.43 5.75
C LEU F 165 -10.66 -7.16 5.72
N VAL F 166 -11.11 -6.15 6.45
CA VAL F 166 -10.45 -4.86 6.50
C VAL F 166 -11.17 -4.04 7.56
N ALA F 167 -10.50 -3.08 8.17
CA ALA F 167 -11.12 -2.28 9.22
C ALA F 167 -11.50 -0.87 8.82
N GLY F 168 -12.59 -0.37 9.41
CA GLY F 168 -13.00 0.99 9.15
C GLY F 168 -14.27 1.24 8.35
N LEU F 169 -14.69 0.27 7.56
CA LEU F 169 -15.88 0.44 6.75
C LEU F 169 -17.17 0.36 7.57
N GLY F 170 -17.98 1.40 7.41
CA GLY F 170 -19.27 1.47 8.09
C GLY F 170 -20.32 1.59 7.01
N ASN F 171 -21.57 1.83 7.39
CA ASN F 171 -22.65 1.93 6.42
C ASN F 171 -22.48 2.94 5.31
N ILE F 172 -21.96 4.12 5.64
CA ILE F 172 -21.80 5.14 4.62
C ILE F 172 -20.78 4.75 3.57
N TYR F 173 -19.55 4.51 4.00
CA TYR F 173 -18.46 4.16 3.10
C TYR F 173 -18.52 2.81 2.40
N VAL F 174 -19.33 1.88 2.90
CA VAL F 174 -19.43 0.59 2.23
C VAL F 174 -20.32 0.84 1.01
N ASP F 175 -21.35 1.65 1.18
CA ASP F 175 -22.24 1.95 0.07
C ASP F 175 -21.50 2.76 -0.98
N GLU F 176 -20.64 3.67 -0.53
CA GLU F 176 -19.86 4.50 -1.44
C GLU F 176 -18.88 3.61 -2.18
N VAL F 177 -18.14 2.80 -1.43
CA VAL F 177 -17.17 1.87 -2.00
C VAL F 177 -17.81 0.93 -3.04
N LEU F 178 -18.86 0.23 -2.63
CA LEU F 178 -19.52 -0.73 -3.51
C LEU F 178 -20.05 -0.12 -4.78
N TRP F 179 -20.43 1.16 -4.73
CA TRP F 179 -20.92 1.83 -5.93
C TRP F 179 -19.71 2.17 -6.80
N LEU F 180 -18.70 2.75 -6.18
CA LEU F 180 -17.47 3.13 -6.88
C LEU F 180 -16.83 1.95 -7.57
N ALA F 181 -17.10 0.74 -7.08
CA ALA F 181 -16.52 -0.46 -7.68
C ALA F 181 -17.55 -1.20 -8.53
N LYS F 182 -18.71 -0.59 -8.69
CA LYS F 182 -19.79 -1.20 -9.49
C LYS F 182 -20.21 -2.59 -9.02
N ILE F 183 -20.12 -2.84 -7.72
CA ILE F 183 -20.51 -4.14 -7.19
C ILE F 183 -21.83 -4.00 -6.41
N HIS F 184 -22.78 -4.87 -6.69
CA HIS F 184 -24.07 -4.84 -6.01
C HIS F 184 -23.84 -5.37 -4.59
N PRO F 185 -24.32 -4.63 -3.58
CA PRO F 185 -24.18 -4.97 -2.17
C PRO F 185 -24.60 -6.38 -1.75
N GLU F 186 -25.43 -7.02 -2.56
CA GLU F 186 -25.88 -8.38 -2.24
C GLU F 186 -25.12 -9.46 -2.99
N LYS F 187 -24.17 -9.02 -3.81
CA LYS F 187 -23.34 -9.93 -4.60
C LYS F 187 -22.57 -10.84 -3.65
N GLU F 188 -22.60 -12.14 -3.91
CA GLU F 188 -21.88 -13.08 -3.06
C GLU F 188 -20.39 -13.07 -3.38
N THR F 189 -19.59 -12.79 -2.36
CA THR F 189 -18.14 -12.69 -2.51
C THR F 189 -17.45 -13.73 -3.35
N ASN F 190 -17.89 -14.98 -3.26
CA ASN F 190 -17.26 -16.07 -4.02
C ASN F 190 -17.50 -15.99 -5.52
N GLN F 191 -18.29 -15.02 -5.98
CA GLN F 191 -18.57 -14.88 -7.41
C GLN F 191 -17.76 -13.76 -8.03
N LEU F 192 -17.26 -12.88 -7.18
CA LEU F 192 -16.46 -11.75 -7.61
C LEU F 192 -15.23 -12.14 -8.45
N ILE F 193 -15.06 -11.49 -9.58
CA ILE F 193 -13.93 -11.73 -10.47
C ILE F 193 -12.77 -10.95 -9.87
N GLU F 194 -11.54 -11.40 -10.12
CA GLU F 194 -10.37 -10.73 -9.57
C GLU F 194 -10.36 -9.26 -9.85
N SER F 195 -10.58 -8.90 -11.12
CA SER F 195 -10.57 -7.49 -11.50
C SER F 195 -11.55 -6.72 -10.62
N SER F 196 -12.62 -7.38 -10.20
CA SER F 196 -13.60 -6.72 -9.33
C SER F 196 -12.97 -6.57 -7.95
N ILE F 197 -12.40 -7.67 -7.45
CA ILE F 197 -11.79 -7.67 -6.13
C ILE F 197 -10.72 -6.59 -6.06
N HIS F 198 -9.86 -6.57 -7.07
CA HIS F 198 -8.79 -5.59 -7.16
C HIS F 198 -9.33 -4.15 -7.13
N LEU F 199 -10.40 -3.92 -7.88
CA LEU F 199 -11.00 -2.58 -7.95
C LEU F 199 -11.62 -2.25 -6.60
N LEU F 200 -12.22 -3.25 -5.97
CA LEU F 200 -12.86 -3.08 -4.66
C LEU F 200 -11.81 -2.72 -3.61
N HIS F 201 -10.77 -3.54 -3.55
CA HIS F 201 -9.67 -3.35 -2.62
C HIS F 201 -9.14 -1.93 -2.73
N ASP F 202 -8.90 -1.48 -3.96
CA ASP F 202 -8.38 -0.13 -4.19
C ASP F 202 -9.41 0.97 -3.86
N SER F 203 -10.67 0.74 -4.19
CA SER F 203 -11.72 1.71 -3.92
C SER F 203 -11.88 1.91 -2.39
N ILE F 204 -11.65 0.83 -1.66
CA ILE F 204 -11.74 0.88 -0.21
C ILE F 204 -10.70 1.87 0.30
N ILE F 205 -9.43 1.56 0.06
CA ILE F 205 -8.32 2.41 0.49
C ILE F 205 -8.52 3.84 0.01
N GLU F 206 -8.90 3.97 -1.25
CA GLU F 206 -9.12 5.26 -1.88
C GLU F 206 -10.19 6.11 -1.20
N ILE F 207 -11.41 5.59 -1.11
CA ILE F 207 -12.52 6.34 -0.50
C ILE F 207 -12.32 6.67 0.97
N LEU F 208 -11.75 5.75 1.74
CA LEU F 208 -11.53 6.00 3.17
C LEU F 208 -10.43 7.02 3.34
N GLN F 209 -9.51 7.05 2.38
CA GLN F 209 -8.43 8.00 2.46
C GLN F 209 -8.97 9.37 2.05
N LYS F 210 -9.81 9.38 1.02
CA LYS F 210 -10.38 10.63 0.57
C LYS F 210 -11.19 11.23 1.70
N ALA F 211 -11.88 10.36 2.44
CA ALA F 211 -12.72 10.80 3.55
C ALA F 211 -11.89 11.38 4.67
N ILE F 212 -10.75 10.77 4.96
CA ILE F 212 -9.90 11.28 6.03
C ILE F 212 -9.49 12.72 5.73
N LYS F 213 -9.01 12.97 4.53
CA LYS F 213 -8.59 14.33 4.17
C LYS F 213 -9.72 15.36 4.13
N LEU F 214 -10.95 14.93 3.89
CA LEU F 214 -12.06 15.86 3.86
C LEU F 214 -12.65 16.06 5.24
N GLY F 215 -11.95 15.56 6.25
CA GLY F 215 -12.40 15.68 7.62
C GLY F 215 -13.56 14.77 7.97
N GLY F 216 -13.83 13.79 7.10
CA GLY F 216 -14.93 12.86 7.35
C GLY F 216 -16.27 13.48 7.02
N SER F 217 -17.31 12.66 6.96
CA SER F 217 -18.65 13.14 6.65
C SER F 217 -19.43 13.50 7.90
N GLY F 229 -16.95 18.65 8.69
CA GLY F 229 -16.38 17.80 7.65
C GLY F 229 -16.97 18.14 6.29
N LYS F 230 -16.29 17.76 5.22
CA LYS F 230 -16.76 18.06 3.87
C LYS F 230 -16.93 16.82 2.98
N GLN F 232 -19.39 14.67 3.15
CA GLN F 232 -20.80 14.47 2.84
C GLN F 232 -21.15 15.17 1.54
N ASN F 233 -20.27 16.07 1.10
CA ASN F 233 -20.48 16.82 -0.13
C ASN F 233 -20.10 16.00 -1.36
N GLU F 234 -19.45 14.86 -1.14
CA GLU F 234 -19.04 14.03 -2.25
C GLU F 234 -19.55 12.60 -2.22
N LEU F 235 -20.71 12.42 -1.60
CA LEU F 235 -21.33 11.11 -1.49
C LEU F 235 -22.15 10.85 -2.75
N GLN F 236 -21.92 9.72 -3.43
CA GLN F 236 -22.61 9.43 -4.68
C GLN F 236 -23.87 8.63 -4.44
N VAL F 237 -24.06 7.91 -3.36
CA VAL F 237 -25.28 7.11 -3.20
C VAL F 237 -25.86 7.02 -1.79
N TYR F 238 -25.03 7.23 -0.76
CA TYR F 238 -25.52 7.15 0.61
C TYR F 238 -26.55 8.23 0.86
N GLY F 239 -27.78 7.80 1.15
CA GLY F 239 -28.85 8.75 1.41
C GLY F 239 -29.43 9.47 0.19
N LYS F 240 -28.91 9.19 -0.99
CA LYS F 240 -29.39 9.83 -2.21
C LYS F 240 -30.58 9.09 -2.79
N THR F 241 -31.32 8.40 -1.93
CA THR F 241 -32.48 7.64 -2.37
C THR F 241 -33.36 8.48 -3.29
N GLY F 242 -33.62 7.95 -4.47
CA GLY F 242 -34.45 8.66 -5.43
C GLY F 242 -33.73 9.59 -6.40
N GLU F 243 -32.47 9.87 -6.15
CA GLU F 243 -31.72 10.75 -7.03
C GLU F 243 -31.02 9.96 -8.12
N LYS F 244 -30.64 10.64 -9.20
CA LYS F 244 -30.01 9.96 -10.32
C LYS F 244 -28.54 9.64 -10.14
N CYS F 245 -28.11 8.55 -10.75
CA CYS F 245 -26.74 8.09 -10.68
C CYS F 245 -25.75 8.98 -11.42
N SER F 246 -24.65 9.32 -10.74
CA SER F 246 -23.61 10.15 -11.30
C SER F 246 -23.22 9.72 -12.70
N ARG F 247 -23.21 8.41 -12.95
CA ARG F 247 -22.82 7.91 -14.28
C ARG F 247 -24.00 7.51 -15.19
N CYS F 248 -24.65 6.39 -14.88
CA CYS F 248 -25.76 5.92 -15.70
C CYS F 248 -27.04 6.72 -15.58
N GLY F 249 -27.06 7.70 -14.70
CA GLY F 249 -28.24 8.52 -14.54
C GLY F 249 -29.53 7.81 -14.12
N ALA F 250 -29.42 6.62 -13.54
CA ALA F 250 -30.60 5.90 -13.06
C ALA F 250 -30.88 6.39 -11.64
N GLU F 251 -32.11 6.16 -11.16
CA GLU F 251 -32.49 6.60 -9.82
C GLU F 251 -31.90 5.70 -8.73
N ILE F 252 -31.11 6.30 -7.84
CA ILE F 252 -30.52 5.54 -6.76
C ILE F 252 -31.64 4.91 -5.94
N GLN F 253 -31.54 3.61 -5.70
CA GLN F 253 -32.57 2.94 -4.92
C GLN F 253 -32.05 2.63 -3.53
N LYS F 254 -32.99 2.51 -2.58
CA LYS F 254 -32.65 2.21 -1.22
C LYS F 254 -33.38 0.94 -0.81
N ILE F 255 -32.64 0.00 -0.24
CA ILE F 255 -33.22 -1.26 0.18
C ILE F 255 -32.58 -1.69 1.50
N LYS F 256 -33.10 -2.75 2.10
CA LYS F 256 -32.58 -3.26 3.35
C LYS F 256 -31.81 -4.56 3.12
N VAL F 257 -30.57 -4.59 3.59
CA VAL F 257 -29.71 -5.75 3.49
C VAL F 257 -29.21 -5.99 4.90
N ALA F 258 -29.45 -7.19 5.41
CA ALA F 258 -29.04 -7.52 6.77
C ALA F 258 -29.47 -6.42 7.76
N GLY F 259 -30.64 -5.83 7.50
CA GLY F 259 -31.16 -4.79 8.38
C GLY F 259 -30.55 -3.40 8.26
N ARG F 260 -29.77 -3.16 7.21
CA ARG F 260 -29.14 -1.87 7.07
C ARG F 260 -29.61 -1.10 5.84
N GLY F 261 -29.80 0.20 6.00
CA GLY F 261 -30.20 1.00 4.87
C GLY F 261 -29.09 0.81 3.87
N THR F 262 -29.45 0.48 2.63
CA THR F 262 -28.48 0.24 1.58
C THR F 262 -28.81 1.05 0.32
N HIS F 263 -27.86 1.88 -0.08
CA HIS F 263 -28.06 2.70 -1.26
C HIS F 263 -27.15 2.20 -2.37
N PHE F 264 -27.74 2.03 -3.56
CA PHE F 264 -26.99 1.54 -4.71
C PHE F 264 -27.67 1.94 -6.00
N CYS F 265 -27.04 1.57 -7.12
CA CYS F 265 -27.64 1.86 -8.41
C CYS F 265 -28.02 0.55 -9.09
N PRO F 266 -29.28 0.43 -9.51
CA PRO F 266 -29.80 -0.78 -10.16
C PRO F 266 -28.97 -1.21 -11.35
N VAL F 267 -28.47 -0.22 -12.09
CA VAL F 267 -27.67 -0.50 -13.30
C VAL F 267 -26.16 -0.65 -13.11
N CYS F 268 -25.52 0.31 -12.46
CA CYS F 268 -24.08 0.23 -12.25
C CYS F 268 -23.73 -0.93 -11.36
N GLN F 269 -24.59 -1.19 -10.38
CA GLN F 269 -24.39 -2.28 -9.45
C GLN F 269 -25.26 -3.46 -9.83
N GLN F 270 -24.67 -4.34 -10.65
CA GLN F 270 -25.30 -5.55 -11.17
C GLN F 270 -25.75 -6.56 -10.11
N LYS F 271 -24.85 -7.46 -9.74
CA LYS F 271 -25.17 -8.46 -8.74
C LYS F 271 -26.53 -9.11 -8.94
#